data_4FEA
#
_entry.id   4FEA
#
_cell.length_a   88.720
_cell.length_b   88.720
_cell.length_c   185.660
_cell.angle_alpha   90.000
_cell.angle_beta   90.000
_cell.angle_gamma   120.000
#
_symmetry.space_group_name_H-M   'P 32 2 1'
#
loop_
_entity.id
_entity.type
_entity.pdbx_description
1 polymer Caspase-7
2 non-polymer 'chloro{methyl hydrogenato(3-)-kappa~2~N,S [pyridin-2-yl(pyridin-2(1H)-ylidene-kappaN)methyl]carbonodithiohydrazonate}copper'
#
_entity_poly.entity_id   1
_entity_poly.type   'polypeptide(L)'
_entity_poly.pdbx_seq_one_letter_code
;TYQYNMNFEKLGKCIIINNKNFDKVTGMGVRNGTDKDAEALFKCFRSLGFDVIVYNDCSCAKMQDLLKKASEEDHTNAAC
FACILLSHGEENVIYGKDGVTPIKDLTAHFRGDRCKTLLEKPKLFFIQACRGTELDDGIQADSGPINDTDANPRYKIPVE
ADFLFAYSTVPGYYSWRSPGRGSWFVQALCSILEEHGKDLEIMQILTRVNDRVARHFESQSDDPHFHEKKQIPCVVSMLT
KELYFSQ
;
_entity_poly.pdbx_strand_id   A,B
#
loop_
_chem_comp.id
_chem_comp.type
_chem_comp.name
_chem_comp.formula
0TE non-polymer 'chloro{methyl hydrogenato(3-)-kappa~2~N,S [pyridin-2-yl(pyridin-2(1H)-ylidene-kappaN)methyl]carbonodithiohydrazonate}copper' 'C13 H11 Cl Cu N4 S2'
#
# COMPACT_ATOMS: atom_id res chain seq x y z
N THR A 1 9.71 -6.14 18.64
CA THR A 1 9.80 -6.52 17.23
C THR A 1 8.64 -5.93 16.44
N TYR A 2 7.83 -5.09 17.08
CA TYR A 2 6.63 -4.57 16.44
C TYR A 2 6.84 -3.19 15.82
N GLN A 3 8.01 -2.59 16.09
CA GLN A 3 8.41 -1.37 15.41
C GLN A 3 9.85 -1.51 14.92
N TYR A 4 10.31 -0.56 14.12
CA TYR A 4 11.69 -0.57 13.64
C TYR A 4 12.65 -0.05 14.72
N ASN A 5 13.82 -0.65 14.83
CA ASN A 5 14.82 -0.24 15.82
C ASN A 5 15.33 1.18 15.59
N MET A 6 15.63 1.89 16.67
CA MET A 6 16.06 3.29 16.58
C MET A 6 17.26 3.65 17.45
N ASN A 7 17.82 2.67 18.15
CA ASN A 7 19.07 2.89 18.87
C ASN A 7 20.21 3.01 17.88
N PHE A 8 20.30 4.18 17.23
CA PHE A 8 21.33 4.42 16.24
C PHE A 8 21.86 5.82 16.39
N GLU A 9 23.05 6.04 15.85
CA GLU A 9 23.65 7.36 15.86
C GLU A 9 22.80 8.30 15.01
N LYS A 10 23.07 8.32 13.71
CA LYS A 10 22.28 9.12 12.78
C LYS A 10 20.91 8.49 12.55
N LEU A 11 19.93 9.32 12.25
CA LEU A 11 18.62 8.84 11.84
C LEU A 11 18.84 8.17 10.51
N GLY A 12 19.10 8.98 9.50
CA GLY A 12 19.39 8.47 8.18
C GLY A 12 19.80 9.61 7.26
N LYS A 13 20.22 9.26 6.06
CA LYS A 13 20.63 10.26 5.08
C LYS A 13 19.49 10.54 4.09
N CYS A 14 19.08 11.79 3.98
CA CYS A 14 17.99 12.15 3.09
C CYS A 14 18.50 12.78 1.80
N ILE A 15 18.05 12.24 0.67
CA ILE A 15 18.46 12.74 -0.64
C ILE A 15 17.31 13.48 -1.32
N ILE A 16 17.59 14.66 -1.85
CA ILE A 16 16.56 15.41 -2.55
C ILE A 16 16.99 15.77 -3.98
N ILE A 17 16.27 15.23 -4.95
CA ILE A 17 16.51 15.55 -6.35
C ILE A 17 15.52 16.62 -6.82
N ASN A 18 16.03 17.67 -7.44
CA ASN A 18 15.20 18.82 -7.81
C ASN A 18 15.48 19.33 -9.22
N ASN A 19 14.81 18.74 -10.22
CA ASN A 19 14.89 19.25 -11.58
C ASN A 19 13.92 20.42 -11.74
N LYS A 20 14.33 21.44 -12.50
CA LYS A 20 13.47 22.59 -12.72
C LYS A 20 13.72 23.23 -14.09
N ASP A 35 10.92 25.34 -6.37
CA ASP A 35 12.03 25.55 -5.44
C ASP A 35 11.55 25.85 -4.03
N LYS A 36 10.26 26.17 -3.89
CA LYS A 36 9.67 26.40 -2.58
C LYS A 36 9.50 25.07 -1.85
N ASP A 37 9.06 24.06 -2.59
CA ASP A 37 8.81 22.74 -2.03
C ASP A 37 10.11 22.13 -1.50
N ALA A 38 11.16 22.21 -2.32
CA ALA A 38 12.48 21.73 -1.93
C ALA A 38 12.98 22.37 -0.63
N GLU A 39 13.00 23.70 -0.62
CA GLU A 39 13.43 24.47 0.55
C GLU A 39 12.61 24.12 1.79
N ALA A 40 11.33 23.85 1.57
CA ALA A 40 10.40 23.52 2.65
C ALA A 40 10.54 22.07 3.09
N LEU A 41 10.83 21.19 2.14
CA LEU A 41 11.12 19.79 2.44
C LEU A 41 12.44 19.68 3.19
N PHE A 42 13.41 20.49 2.79
CA PHE A 42 14.70 20.49 3.45
C PHE A 42 14.55 20.76 4.94
N LYS A 43 13.95 21.91 5.27
CA LYS A 43 13.77 22.33 6.66
C LYS A 43 13.05 21.27 7.49
N CYS A 44 11.95 20.77 6.94
CA CYS A 44 11.07 19.87 7.68
C CYS A 44 11.63 18.45 7.83
N PHE A 45 12.57 18.08 6.96
CA PHE A 45 13.21 16.78 7.07
C PHE A 45 14.43 16.84 7.98
N ARG A 46 15.15 17.95 7.92
CA ARG A 46 16.18 18.20 8.92
C ARG A 46 15.49 18.39 10.28
N SER A 47 14.21 18.76 10.25
CA SER A 47 13.39 18.89 11.46
C SER A 47 13.02 17.54 12.08
N LEU A 48 13.48 16.45 11.47
CA LEU A 48 13.30 15.12 12.05
C LEU A 48 14.64 14.60 12.52
N GLY A 49 15.70 15.21 12.03
CA GLY A 49 17.06 14.77 12.34
C GLY A 49 17.70 14.08 11.16
N PHE A 50 17.40 14.56 9.96
CA PHE A 50 17.93 13.96 8.75
C PHE A 50 19.23 14.60 8.28
N ASP A 51 20.13 13.77 7.81
CA ASP A 51 21.28 14.27 7.06
C ASP A 51 20.80 14.52 5.63
N VAL A 52 20.40 15.77 5.36
CA VAL A 52 19.79 16.13 4.09
C VAL A 52 20.77 16.71 3.08
N ILE A 53 20.67 16.26 1.84
CA ILE A 53 21.50 16.79 0.75
C ILE A 53 20.62 17.07 -0.48
N VAL A 54 20.72 18.29 -1.02
CA VAL A 54 19.89 18.71 -2.15
C VAL A 54 20.65 18.67 -3.46
N TYR A 55 19.97 18.30 -4.54
CA TYR A 55 20.57 18.27 -5.86
C TYR A 55 19.64 18.88 -6.92
N ASN A 56 20.16 19.81 -7.71
CA ASN A 56 19.38 20.45 -8.76
C ASN A 56 19.85 20.07 -10.16
N ASP A 57 19.08 20.49 -11.16
CA ASP A 57 19.45 20.34 -12.58
C ASP A 57 20.03 18.98 -12.94
N CYS A 58 19.53 17.94 -12.30
CA CYS A 58 20.11 16.60 -12.43
C CYS A 58 20.01 16.04 -13.84
N SER A 59 21.09 16.21 -14.61
CA SER A 59 21.23 15.52 -15.88
C SER A 59 21.09 14.04 -15.60
N CYS A 60 20.06 13.43 -16.17
CA CYS A 60 19.62 12.06 -15.84
C CYS A 60 20.72 11.01 -15.59
N ALA A 61 21.93 11.28 -16.03
CA ALA A 61 23.08 10.44 -15.72
C ALA A 61 23.46 10.58 -14.25
N LYS A 62 23.19 11.75 -13.68
CA LYS A 62 23.47 12.04 -12.28
C LYS A 62 22.76 11.07 -11.34
N MET A 63 21.43 11.15 -11.33
CA MET A 63 20.58 10.38 -10.42
C MET A 63 21.03 8.93 -10.26
N GLN A 64 21.48 8.34 -11.36
CA GLN A 64 22.01 6.99 -11.35
C GLN A 64 23.26 6.86 -10.48
N ASP A 65 24.34 7.49 -10.89
CA ASP A 65 25.60 7.44 -10.13
C ASP A 65 25.43 8.05 -8.74
N LEU A 66 24.60 9.10 -8.66
CA LEU A 66 24.34 9.78 -7.39
C LEU A 66 23.79 8.82 -6.36
N LEU A 67 22.82 8.01 -6.77
CA LEU A 67 22.22 7.02 -5.88
C LEU A 67 23.18 5.90 -5.53
N LYS A 68 23.71 5.23 -6.55
CA LYS A 68 24.60 4.09 -6.37
C LYS A 68 25.73 4.39 -5.39
N LYS A 69 26.23 5.62 -5.43
CA LYS A 69 27.23 6.06 -4.48
C LYS A 69 26.75 5.85 -3.05
N ALA A 70 25.57 6.39 -2.76
CA ALA A 70 24.95 6.25 -1.45
C ALA A 70 24.65 4.79 -1.15
N SER A 71 24.46 4.01 -2.20
CA SER A 71 24.19 2.58 -2.05
C SER A 71 25.45 1.84 -1.62
N GLU A 72 26.60 2.41 -1.97
CA GLU A 72 27.87 1.80 -1.62
C GLU A 72 28.49 2.45 -0.39
N GLU A 73 27.77 3.41 0.18
CA GLU A 73 28.17 4.01 1.44
C GLU A 73 27.85 3.10 2.62
N ASP A 74 28.24 3.53 3.81
CA ASP A 74 27.98 2.78 5.03
C ASP A 74 26.90 3.44 5.88
N HIS A 75 25.90 2.64 6.23
CA HIS A 75 24.79 3.12 7.03
C HIS A 75 24.65 2.27 8.29
N THR A 76 25.76 1.73 8.77
CA THR A 76 25.73 0.86 9.94
C THR A 76 25.28 1.63 11.18
N ASN A 77 25.77 2.86 11.30
CA ASN A 77 25.40 3.71 12.41
C ASN A 77 24.21 4.59 12.08
N ALA A 78 23.57 4.29 10.95
CA ALA A 78 22.33 4.94 10.54
C ALA A 78 21.13 4.02 10.77
N ALA A 79 19.96 4.60 11.02
CA ALA A 79 18.76 3.83 11.35
C ALA A 79 17.89 3.57 10.11
N CYS A 80 17.84 4.52 9.20
CA CYS A 80 17.05 4.38 7.97
C CYS A 80 17.66 5.19 6.82
N PHE A 81 16.87 5.39 5.77
CA PHE A 81 17.30 6.15 4.59
C PHE A 81 16.13 6.69 3.76
N ALA A 82 16.16 7.98 3.47
CA ALA A 82 15.09 8.60 2.69
C ALA A 82 15.57 9.29 1.43
N CYS A 83 14.70 9.37 0.43
CA CYS A 83 14.99 10.07 -0.81
C CYS A 83 13.75 10.75 -1.38
N ILE A 84 13.95 11.89 -2.04
CA ILE A 84 12.85 12.66 -2.59
C ILE A 84 13.13 13.14 -4.02
N LEU A 85 12.21 12.84 -4.94
CA LEU A 85 12.36 13.24 -6.34
C LEU A 85 11.35 14.32 -6.71
N LEU A 86 11.75 15.26 -7.56
CA LEU A 86 10.88 16.34 -8.03
C LEU A 86 11.09 16.63 -9.52
N SER A 87 10.09 16.27 -10.34
CA SER A 87 10.21 16.44 -11.78
C SER A 87 8.96 17.10 -12.40
N HIS A 88 8.79 16.95 -13.70
CA HIS A 88 7.67 17.50 -14.48
C HIS A 88 6.94 16.42 -15.30
N VAL A 100 14.36 12.73 -17.61
CA VAL A 100 13.81 11.42 -17.94
C VAL A 100 14.65 10.28 -17.36
N THR A 101 14.10 9.60 -16.37
CA THR A 101 14.76 8.46 -15.74
C THR A 101 13.75 7.44 -15.20
N PRO A 102 13.84 6.18 -15.66
CA PRO A 102 12.97 5.08 -15.22
C PRO A 102 12.93 4.93 -13.70
N ILE A 103 11.76 4.60 -13.17
CA ILE A 103 11.54 4.51 -11.72
C ILE A 103 12.38 3.41 -11.09
N LYS A 104 12.16 2.18 -11.54
CA LYS A 104 12.79 0.98 -10.99
C LYS A 104 14.32 0.99 -11.07
N ASP A 105 14.86 1.54 -12.16
CA ASP A 105 16.30 1.55 -12.38
C ASP A 105 17.07 2.38 -11.34
N LEU A 106 16.33 3.09 -10.49
CA LEU A 106 16.93 3.90 -9.43
C LEU A 106 16.89 3.15 -8.10
N THR A 107 15.73 2.58 -7.80
CA THR A 107 15.47 1.93 -6.52
C THR A 107 16.20 0.60 -6.33
N ALA A 108 16.52 -0.07 -7.44
CA ALA A 108 17.12 -1.41 -7.37
C ALA A 108 18.54 -1.42 -6.82
N HIS A 109 19.13 -0.23 -6.67
CA HIS A 109 20.48 -0.10 -6.11
C HIS A 109 20.49 -0.47 -4.64
N PHE A 110 19.33 -0.37 -4.01
CA PHE A 110 19.19 -0.63 -2.59
C PHE A 110 18.40 -1.92 -2.36
N ARG A 111 18.67 -2.92 -3.19
CA ARG A 111 18.01 -4.23 -3.10
C ARG A 111 18.38 -4.95 -1.81
N GLY A 112 18.04 -6.23 -1.74
CA GLY A 112 18.42 -7.04 -0.60
C GLY A 112 19.93 -7.10 -0.41
N ASP A 113 20.61 -7.70 -1.39
CA ASP A 113 22.06 -7.87 -1.31
C ASP A 113 22.81 -6.62 -1.78
N ARG A 114 22.19 -5.88 -2.68
CA ARG A 114 22.81 -4.71 -3.32
C ARG A 114 23.34 -3.67 -2.33
N CYS A 115 22.66 -3.50 -1.20
CA CYS A 115 23.13 -2.63 -0.14
C CYS A 115 22.88 -3.31 1.20
N LYS A 116 23.83 -4.13 1.64
CA LYS A 116 23.64 -4.94 2.83
C LYS A 116 23.63 -4.14 4.14
N THR A 117 23.99 -2.85 4.07
CA THR A 117 23.94 -2.00 5.25
C THR A 117 22.51 -1.57 5.55
N LEU A 118 21.63 -1.81 4.59
CA LEU A 118 20.22 -1.50 4.75
C LEU A 118 19.39 -2.77 4.64
N LEU A 119 19.54 -3.63 5.66
CA LEU A 119 18.68 -4.80 5.79
C LEU A 119 18.02 -4.68 7.15
N GLU A 120 16.76 -5.08 7.22
CA GLU A 120 15.92 -4.85 8.40
C GLU A 120 15.84 -3.35 8.67
N LYS A 121 16.17 -2.57 7.64
CA LYS A 121 16.10 -1.12 7.70
C LYS A 121 15.29 -0.64 6.49
N PRO A 122 14.40 0.34 6.73
CA PRO A 122 13.45 0.79 5.72
C PRO A 122 14.07 1.73 4.68
N LYS A 123 13.47 1.77 3.49
CA LYS A 123 13.91 2.67 2.42
C LYS A 123 12.72 3.47 1.94
N LEU A 124 12.82 4.79 2.03
CA LEU A 124 11.66 5.66 1.84
C LEU A 124 11.80 6.59 0.66
N PHE A 125 10.99 6.36 -0.37
CA PHE A 125 11.10 7.16 -1.59
C PHE A 125 9.86 8.02 -1.81
N PHE A 126 10.09 9.33 -1.79
CA PHE A 126 9.01 10.30 -1.91
C PHE A 126 9.07 10.99 -3.27
N ILE A 127 7.98 10.93 -4.02
CA ILE A 127 8.01 11.35 -5.42
C ILE A 127 6.94 12.38 -5.77
N GLN A 128 7.32 13.37 -6.58
CA GLN A 128 6.36 14.34 -7.10
C GLN A 128 6.77 14.86 -8.47
N ALA A 129 6.06 14.42 -9.51
CA ALA A 129 6.31 14.90 -10.88
C ALA A 129 5.05 15.53 -11.48
N CYS A 130 5.14 15.98 -12.73
CA CYS A 130 4.01 16.60 -13.42
C CYS A 130 3.74 15.98 -14.78
N PRO A 158 13.61 -10.87 2.07
CA PRO A 158 14.32 -10.94 0.79
C PRO A 158 14.62 -9.55 0.23
N VAL A 159 14.50 -9.41 -1.09
CA VAL A 159 14.66 -8.12 -1.76
C VAL A 159 13.28 -7.42 -1.85
N GLU A 160 13.29 -6.09 -1.97
CA GLU A 160 12.08 -5.29 -2.08
C GLU A 160 11.20 -5.30 -0.83
N ALA A 161 11.69 -5.90 0.25
CA ALA A 161 11.04 -5.77 1.55
C ALA A 161 11.57 -4.53 2.28
N ASP A 162 10.73 -3.93 3.12
CA ASP A 162 11.03 -2.69 3.83
C ASP A 162 11.16 -1.44 2.95
N PHE A 163 10.39 -1.37 1.87
CA PHE A 163 10.34 -0.18 1.03
C PHE A 163 9.04 0.60 1.22
N LEU A 164 9.11 1.91 1.03
CA LEU A 164 7.90 2.74 1.08
C LEU A 164 7.91 3.78 -0.02
N PHE A 165 6.74 4.13 -0.53
CA PHE A 165 6.65 5.06 -1.64
C PHE A 165 5.53 6.08 -1.44
N ALA A 166 5.55 7.13 -2.24
CA ALA A 166 4.52 8.17 -2.24
C ALA A 166 4.66 9.08 -3.46
N TYR A 167 3.79 8.94 -4.45
CA TYR A 167 3.89 9.78 -5.64
C TYR A 167 2.74 10.80 -5.76
N SER A 168 3.10 12.07 -5.85
CA SER A 168 2.10 13.12 -6.05
C SER A 168 2.25 13.75 -7.43
N THR A 169 1.22 14.47 -7.88
CA THR A 169 1.21 15.03 -9.23
C THR A 169 0.54 16.41 -9.31
N VAL A 170 1.04 17.26 -10.21
CA VAL A 170 0.42 18.54 -10.53
C VAL A 170 0.47 18.79 -12.03
N ARG A 181 2.31 29.70 -5.00
CA ARG A 181 3.30 28.99 -4.19
C ARG A 181 3.40 27.51 -4.56
N GLY A 182 3.95 26.71 -3.65
CA GLY A 182 4.18 25.30 -3.93
C GLY A 182 2.94 24.44 -3.91
N SER A 183 3.12 23.13 -4.10
CA SER A 183 2.01 22.19 -4.18
C SER A 183 1.37 21.97 -2.82
N TRP A 184 0.27 21.21 -2.80
CA TRP A 184 -0.45 20.88 -1.57
C TRP A 184 0.20 19.77 -0.77
N PHE A 185 0.30 18.61 -1.41
CA PHE A 185 0.96 17.44 -0.85
C PHE A 185 2.17 17.78 -0.01
N VAL A 186 3.08 18.57 -0.59
CA VAL A 186 4.27 19.04 0.10
C VAL A 186 3.91 19.96 1.25
N GLN A 187 3.17 21.02 0.91
CA GLN A 187 2.66 21.99 1.88
C GLN A 187 2.02 21.25 3.04
N ALA A 188 1.26 20.19 2.72
CA ALA A 188 0.51 19.44 3.71
C ALA A 188 1.42 18.61 4.61
N LEU A 189 2.34 17.90 3.98
CA LEU A 189 3.23 17.00 4.68
C LEU A 189 4.05 17.67 5.78
N CYS A 190 4.83 18.68 5.42
CA CYS A 190 5.69 19.39 6.38
C CYS A 190 4.89 19.91 7.57
N SER A 191 3.67 20.37 7.30
CA SER A 191 2.78 20.92 8.31
C SER A 191 2.42 19.88 9.36
N ILE A 192 2.71 18.62 9.05
CA ILE A 192 2.48 17.53 9.97
C ILE A 192 3.78 17.15 10.67
N LEU A 193 4.84 17.01 9.88
CA LEU A 193 6.12 16.55 10.39
C LEU A 193 6.70 17.52 11.39
N GLU A 194 6.35 18.78 11.24
CA GLU A 194 6.81 19.79 12.18
C GLU A 194 6.02 19.61 13.47
N GLU A 195 4.73 19.36 13.33
CA GLU A 195 3.82 19.27 14.46
C GLU A 195 3.78 17.88 15.12
N HIS A 196 3.38 16.88 14.35
CA HIS A 196 3.22 15.52 14.87
C HIS A 196 4.25 14.53 14.34
N GLY A 197 5.37 15.05 13.86
CA GLY A 197 6.38 14.23 13.22
C GLY A 197 6.99 13.12 14.05
N LYS A 198 7.45 13.45 15.26
CA LYS A 198 8.22 12.49 16.06
C LYS A 198 7.38 11.63 17.01
N ASP A 199 6.07 11.55 16.75
CA ASP A 199 5.19 10.78 17.61
C ASP A 199 4.09 10.03 16.84
N LEU A 200 4.30 9.80 15.56
CA LEU A 200 3.35 9.03 14.75
C LEU A 200 4.01 7.92 13.96
N GLU A 201 3.24 6.87 13.67
CA GLU A 201 3.67 5.83 12.74
C GLU A 201 3.49 6.38 11.32
N ILE A 202 4.41 6.05 10.42
CA ILE A 202 4.46 6.64 9.08
C ILE A 202 3.12 6.60 8.32
N MET A 203 2.43 5.47 8.39
CA MET A 203 1.16 5.33 7.70
C MET A 203 0.10 6.26 8.29
N GLN A 204 0.11 6.41 9.62
CA GLN A 204 -0.81 7.31 10.31
C GLN A 204 -0.62 8.74 9.83
N ILE A 205 0.54 9.02 9.24
CA ILE A 205 0.89 10.36 8.79
C ILE A 205 0.43 10.60 7.36
N LEU A 206 0.81 9.70 6.46
CA LEU A 206 0.47 9.84 5.06
C LEU A 206 -1.05 9.86 4.85
N THR A 207 -1.75 8.99 5.58
CA THR A 207 -3.21 8.93 5.47
C THR A 207 -3.85 10.21 5.99
N ARG A 208 -3.11 10.93 6.83
CA ARG A 208 -3.54 12.24 7.31
C ARG A 208 -3.31 13.30 6.24
N VAL A 209 -2.28 13.08 5.42
CA VAL A 209 -1.97 14.01 4.34
C VAL A 209 -3.01 13.88 3.23
N ASN A 210 -3.33 12.64 2.89
CA ASN A 210 -4.37 12.37 1.91
C ASN A 210 -5.71 12.99 2.30
N ASP A 211 -5.98 13.03 3.60
CA ASP A 211 -7.15 13.70 4.13
C ASP A 211 -7.07 15.21 3.89
N ARG A 212 -5.88 15.75 4.12
CA ARG A 212 -5.63 17.19 3.99
C ARG A 212 -5.67 17.65 2.53
N VAL A 213 -5.12 16.84 1.62
CA VAL A 213 -5.12 17.21 0.22
C VAL A 213 -6.50 17.02 -0.40
N ALA A 214 -7.25 16.03 0.08
CA ALA A 214 -8.60 15.79 -0.39
C ALA A 214 -9.55 16.92 0.03
N ARG A 215 -9.19 17.63 1.09
CA ARG A 215 -9.97 18.79 1.53
C ARG A 215 -9.88 19.96 0.55
N HIS A 216 -9.02 19.81 -0.46
CA HIS A 216 -8.93 20.80 -1.52
C HIS A 216 -9.51 20.26 -2.83
N ILE A 232 -4.95 13.11 -5.87
CA ILE A 232 -4.61 12.17 -4.80
C ILE A 232 -3.35 11.40 -5.14
N PRO A 233 -2.52 11.14 -4.13
CA PRO A 233 -1.28 10.39 -4.33
C PRO A 233 -1.31 9.04 -3.62
N CYS A 234 -0.98 7.98 -4.35
CA CYS A 234 -0.98 6.64 -3.79
C CYS A 234 0.10 6.50 -2.72
N VAL A 235 0.30 5.27 -2.24
CA VAL A 235 1.30 4.99 -1.22
C VAL A 235 1.62 3.50 -1.13
N VAL A 236 2.71 3.10 -1.77
CA VAL A 236 3.12 1.69 -1.76
C VAL A 236 3.87 1.35 -0.47
N SER A 237 3.36 0.35 0.25
CA SER A 237 3.99 -0.07 1.50
C SER A 237 4.42 -1.53 1.49
N MET A 238 5.72 -1.75 1.31
CA MET A 238 6.28 -3.09 1.37
C MET A 238 7.07 -3.26 2.66
N LEU A 239 6.60 -2.60 3.72
CA LEU A 239 7.26 -2.62 5.03
C LEU A 239 6.94 -3.87 5.84
N THR A 240 7.60 -4.03 6.98
CA THR A 240 7.40 -5.22 7.81
C THR A 240 7.12 -4.90 9.28
N LYS A 241 7.46 -3.69 9.71
CA LYS A 241 7.15 -3.26 11.06
C LYS A 241 6.64 -1.82 11.04
N GLU A 242 6.20 -1.32 12.19
CA GLU A 242 5.69 0.04 12.28
C GLU A 242 6.86 1.03 12.31
N LEU A 243 6.58 2.30 12.01
CA LEU A 243 7.65 3.30 11.92
C LEU A 243 7.39 4.66 12.59
N TYR A 244 7.96 4.84 13.77
CA TYR A 244 7.99 6.13 14.42
C TYR A 244 9.42 6.67 14.31
N PHE A 245 9.70 7.79 14.98
CA PHE A 245 11.02 8.43 14.84
C PHE A 245 11.77 8.73 16.14
N SER A 246 12.25 7.68 16.81
CA SER A 246 13.13 7.86 17.96
C SER A 246 14.56 8.23 17.51
N GLN A 247 15.37 8.64 18.48
CA GLN A 247 16.76 9.10 18.30
C GLN A 247 17.38 8.83 16.93
N THR B 1 -12.99 13.71 13.90
CA THR B 1 -12.34 12.44 14.22
C THR B 1 -11.25 12.12 13.20
N TYR B 2 -10.28 11.31 13.62
CA TYR B 2 -9.15 10.94 12.76
C TYR B 2 -9.24 9.48 12.33
N GLN B 3 -10.45 9.01 12.06
CA GLN B 3 -10.69 7.63 11.66
C GLN B 3 -12.05 7.42 10.98
N TYR B 4 -12.17 6.34 10.22
CA TYR B 4 -13.37 6.07 9.45
C TYR B 4 -14.57 5.76 10.33
N ASN B 5 -15.75 6.10 9.83
CA ASN B 5 -16.99 5.91 10.58
C ASN B 5 -17.52 4.49 10.51
N MET B 6 -17.63 3.86 11.67
CA MET B 6 -18.05 2.47 11.76
C MET B 6 -19.47 2.35 12.30
N ASN B 7 -19.99 3.46 12.82
CA ASN B 7 -21.37 3.49 13.28
C ASN B 7 -22.33 3.41 12.10
N PHE B 8 -22.47 2.20 11.57
CA PHE B 8 -23.41 1.90 10.49
C PHE B 8 -24.23 0.66 10.82
N GLU B 9 -25.38 0.54 10.16
CA GLU B 9 -26.28 -0.61 10.36
C GLU B 9 -25.51 -1.91 10.11
N LYS B 10 -25.01 -2.08 8.89
CA LYS B 10 -24.16 -3.23 8.56
C LYS B 10 -22.74 -2.76 8.22
N LEU B 11 -21.81 -3.71 8.17
CA LEU B 11 -20.42 -3.37 7.86
C LEU B 11 -20.28 -3.04 6.39
N GLY B 12 -20.36 -4.07 5.56
CA GLY B 12 -20.26 -3.93 4.12
C GLY B 12 -20.20 -5.31 3.50
N LYS B 13 -20.25 -5.38 2.17
CA LYS B 13 -20.19 -6.69 1.52
C LYS B 13 -18.77 -7.24 1.52
N CYS B 14 -18.61 -8.45 1.03
CA CYS B 14 -17.30 -9.09 0.98
C CYS B 14 -17.25 -10.11 -0.14
N ILE B 15 -17.13 -9.64 -1.37
CA ILE B 15 -17.18 -10.53 -2.51
C ILE B 15 -15.88 -11.32 -2.66
N ILE B 16 -15.98 -12.64 -2.57
CA ILE B 16 -14.84 -13.51 -2.81
C ILE B 16 -15.00 -14.22 -4.15
N ILE B 17 -13.98 -14.14 -4.98
CA ILE B 17 -14.01 -14.79 -6.29
C ILE B 17 -13.00 -15.93 -6.36
N ASN B 18 -13.46 -17.14 -6.06
CA ASN B 18 -12.58 -18.31 -6.04
C ASN B 18 -12.43 -18.95 -7.42
N ASN B 19 -11.40 -18.53 -8.15
CA ASN B 19 -11.08 -19.13 -9.43
C ASN B 19 -10.06 -20.25 -9.28
N LYS B 20 -10.51 -21.48 -9.52
CA LYS B 20 -9.65 -22.65 -9.37
C LYS B 20 -9.42 -23.31 -10.73
N ASN B 21 -10.49 -23.81 -11.34
CA ASN B 21 -10.39 -24.48 -12.63
C ASN B 21 -10.65 -23.55 -13.80
N PHE B 22 -9.59 -23.21 -14.52
CA PHE B 22 -9.70 -22.38 -15.71
C PHE B 22 -9.78 -23.25 -16.97
N ASP B 23 -10.19 -22.66 -18.09
CA ASP B 23 -10.35 -23.38 -19.34
C ASP B 23 -9.01 -23.80 -19.93
N LYS B 24 -9.03 -24.76 -20.85
CA LYS B 24 -7.79 -25.29 -21.42
C LYS B 24 -7.17 -24.31 -22.41
N VAL B 25 -8.02 -23.56 -23.12
CA VAL B 25 -7.55 -22.60 -24.13
C VAL B 25 -6.72 -21.47 -23.53
N THR B 26 -6.84 -21.28 -22.22
CA THR B 26 -6.03 -20.31 -21.51
C THR B 26 -4.63 -20.88 -21.27
N GLY B 27 -4.56 -22.21 -21.23
CA GLY B 27 -3.33 -22.92 -20.92
C GLY B 27 -2.87 -22.64 -19.50
N MET B 28 -3.84 -22.57 -18.58
CA MET B 28 -3.55 -22.15 -17.21
C MET B 28 -3.81 -23.22 -16.17
N GLY B 29 -2.81 -23.44 -15.31
CA GLY B 29 -2.84 -24.48 -14.30
C GLY B 29 -4.01 -24.40 -13.34
N VAL B 30 -4.35 -25.54 -12.76
CA VAL B 30 -5.42 -25.60 -11.78
C VAL B 30 -4.89 -25.14 -10.43
N ARG B 31 -5.28 -23.95 -10.02
CA ARG B 31 -4.75 -23.37 -8.79
C ARG B 31 -5.26 -24.13 -7.58
N ASN B 32 -4.37 -24.90 -6.98
CA ASN B 32 -4.71 -25.80 -5.87
C ASN B 32 -4.52 -25.17 -4.50
N GLY B 33 -5.24 -25.71 -3.52
CA GLY B 33 -5.22 -25.18 -2.17
C GLY B 33 -6.06 -23.92 -2.07
N THR B 34 -6.61 -23.50 -3.19
CA THR B 34 -7.37 -22.26 -3.24
C THR B 34 -8.74 -22.45 -2.61
N ASP B 35 -9.20 -23.69 -2.54
CA ASP B 35 -10.43 -23.97 -1.83
C ASP B 35 -10.21 -23.68 -0.35
N LYS B 36 -9.04 -24.07 0.14
CA LYS B 36 -8.67 -23.81 1.53
C LYS B 36 -8.47 -22.31 1.73
N ASP B 37 -7.81 -21.68 0.76
CA ASP B 37 -7.59 -20.23 0.79
C ASP B 37 -8.89 -19.45 0.87
N ALA B 38 -9.96 -19.97 0.27
CA ALA B 38 -11.24 -19.27 0.26
C ALA B 38 -11.97 -19.48 1.56
N GLU B 39 -12.05 -20.74 1.98
CA GLU B 39 -12.73 -21.13 3.20
C GLU B 39 -12.13 -20.40 4.42
N ALA B 40 -10.82 -20.22 4.42
CA ALA B 40 -10.14 -19.50 5.48
C ALA B 40 -10.62 -18.06 5.54
N LEU B 41 -10.55 -17.39 4.39
CA LEU B 41 -10.97 -15.99 4.30
C LEU B 41 -12.45 -15.83 4.61
N PHE B 42 -13.28 -16.65 3.98
CA PHE B 42 -14.72 -16.63 4.21
C PHE B 42 -15.04 -16.74 5.70
N LYS B 43 -14.47 -17.75 6.37
CA LYS B 43 -14.69 -17.95 7.79
C LYS B 43 -14.24 -16.74 8.60
N CYS B 44 -13.15 -16.13 8.13
CA CYS B 44 -12.49 -15.02 8.82
C CYS B 44 -13.31 -13.72 8.78
N PHE B 45 -13.65 -13.30 7.57
CA PHE B 45 -14.37 -12.05 7.36
C PHE B 45 -15.81 -12.20 7.84
N ARG B 46 -16.30 -13.44 7.86
CA ARG B 46 -17.62 -13.74 8.39
C ARG B 46 -17.65 -13.24 9.83
N SER B 47 -16.59 -13.56 10.56
CA SER B 47 -16.49 -13.23 11.97
C SER B 47 -16.10 -11.78 12.20
N LEU B 48 -16.25 -10.95 11.17
CA LEU B 48 -15.89 -9.55 11.29
C LEU B 48 -17.03 -8.65 10.84
N GLY B 49 -18.19 -9.24 10.59
CA GLY B 49 -19.38 -8.48 10.23
C GLY B 49 -19.56 -8.33 8.74
N PHE B 50 -18.70 -8.98 7.98
CA PHE B 50 -18.84 -8.99 6.53
C PHE B 50 -19.86 -10.02 6.10
N ASP B 51 -20.89 -9.58 5.38
CA ASP B 51 -21.78 -10.55 4.76
C ASP B 51 -21.05 -11.17 3.56
N VAL B 52 -20.51 -12.36 3.78
CA VAL B 52 -19.61 -12.99 2.81
C VAL B 52 -20.34 -13.68 1.67
N ILE B 53 -19.91 -13.41 0.44
CA ILE B 53 -20.43 -14.10 -0.73
C ILE B 53 -19.28 -14.67 -1.57
N VAL B 54 -19.30 -15.97 -1.82
CA VAL B 54 -18.22 -16.63 -2.56
C VAL B 54 -18.61 -17.11 -3.97
N TYR B 55 -17.91 -16.58 -4.96
CA TYR B 55 -18.16 -16.92 -6.36
C TYR B 55 -17.08 -17.88 -6.84
N ASN B 56 -17.39 -18.70 -7.83
CA ASN B 56 -16.48 -19.79 -8.21
C ASN B 56 -16.33 -20.05 -9.71
N ASP B 57 -15.06 -20.10 -10.14
CA ASP B 57 -14.69 -20.38 -11.53
C ASP B 57 -15.47 -19.53 -12.52
N CYS B 58 -15.44 -18.22 -12.31
CA CYS B 58 -16.23 -17.28 -13.11
C CYS B 58 -15.49 -16.82 -14.36
N SER B 59 -16.26 -16.52 -15.40
CA SER B 59 -15.69 -15.91 -16.59
C SER B 59 -15.27 -14.49 -16.26
N CYS B 60 -14.70 -13.81 -17.25
CA CYS B 60 -14.28 -12.43 -17.10
C CYS B 60 -15.48 -11.51 -17.16
N ALA B 61 -16.40 -11.84 -18.06
CA ALA B 61 -17.64 -11.08 -18.19
C ALA B 61 -18.41 -11.13 -16.87
N LYS B 62 -18.38 -12.30 -16.23
CA LYS B 62 -19.02 -12.48 -14.93
C LYS B 62 -18.42 -11.53 -13.91
N MET B 63 -17.10 -11.63 -13.73
CA MET B 63 -16.38 -10.82 -12.74
C MET B 63 -16.58 -9.33 -13.00
N GLN B 64 -16.73 -8.97 -14.27
CA GLN B 64 -17.05 -7.61 -14.64
C GLN B 64 -18.49 -7.26 -14.27
N ASP B 65 -19.42 -8.05 -14.81
CA ASP B 65 -20.85 -7.85 -14.60
C ASP B 65 -21.23 -7.93 -13.13
N LEU B 66 -20.49 -8.76 -12.39
CA LEU B 66 -20.77 -8.95 -10.98
C LEU B 66 -20.54 -7.69 -10.17
N LEU B 67 -19.30 -7.20 -10.18
CA LEU B 67 -18.93 -6.06 -9.36
C LEU B 67 -19.72 -4.82 -9.73
N LYS B 68 -20.02 -4.69 -11.02
CA LYS B 68 -20.81 -3.55 -11.49
C LYS B 68 -22.17 -3.59 -10.81
N LYS B 69 -22.80 -4.76 -10.81
CA LYS B 69 -24.10 -4.92 -10.17
C LYS B 69 -23.98 -4.69 -8.66
N ALA B 70 -22.83 -5.01 -8.09
CA ALA B 70 -22.57 -4.77 -6.68
C ALA B 70 -22.23 -3.30 -6.37
N SER B 71 -21.67 -2.61 -7.37
CA SER B 71 -21.37 -1.19 -7.21
C SER B 71 -22.66 -0.37 -7.28
N GLU B 72 -23.61 -0.87 -8.05
CA GLU B 72 -24.88 -0.21 -8.27
C GLU B 72 -25.88 -0.50 -7.16
N GLU B 73 -25.45 -1.21 -6.13
CA GLU B 73 -26.31 -1.50 -4.99
C GLU B 73 -26.48 -0.28 -4.08
N ASP B 74 -27.20 -0.48 -2.98
CA ASP B 74 -27.35 0.54 -1.96
C ASP B 74 -26.44 0.18 -0.79
N HIS B 75 -25.36 0.94 -0.65
CA HIS B 75 -24.36 0.66 0.36
C HIS B 75 -24.46 1.62 1.54
N THR B 76 -25.58 2.34 1.58
CA THR B 76 -25.75 3.41 2.56
C THR B 76 -25.66 2.92 3.99
N ASN B 77 -26.39 1.86 4.29
CA ASN B 77 -26.37 1.30 5.64
C ASN B 77 -25.09 0.53 5.95
N ALA B 78 -24.18 0.50 4.97
CA ALA B 78 -22.92 -0.20 5.09
C ALA B 78 -21.77 0.76 5.34
N ALA B 79 -20.85 0.38 6.23
CA ALA B 79 -19.68 1.20 6.55
C ALA B 79 -18.66 1.19 5.41
N CYS B 80 -18.20 0.00 5.04
CA CYS B 80 -17.17 -0.16 4.02
C CYS B 80 -17.62 -1.11 2.90
N PHE B 81 -16.63 -1.69 2.21
CA PHE B 81 -16.88 -2.74 1.23
C PHE B 81 -15.59 -3.47 0.83
N ALA B 82 -15.63 -4.80 0.86
CA ALA B 82 -14.46 -5.59 0.53
C ALA B 82 -14.67 -6.49 -0.68
N CYS B 83 -13.57 -6.86 -1.31
CA CYS B 83 -13.58 -7.75 -2.45
C CYS B 83 -12.25 -8.49 -2.47
N ILE B 84 -12.30 -9.81 -2.52
CA ILE B 84 -11.08 -10.61 -2.48
C ILE B 84 -10.97 -11.48 -3.73
N LEU B 85 -9.79 -11.47 -4.35
CA LEU B 85 -9.58 -12.20 -5.59
C LEU B 85 -8.60 -13.36 -5.45
N LEU B 86 -8.93 -14.49 -6.07
CA LEU B 86 -8.07 -15.65 -6.06
C LEU B 86 -7.99 -16.27 -7.45
N SER B 87 -6.88 -16.05 -8.13
CA SER B 87 -6.75 -16.49 -9.51
C SER B 87 -5.30 -16.46 -9.93
N HIS B 88 -5.07 -16.46 -11.25
CA HIS B 88 -3.75 -16.21 -11.81
C HIS B 88 -3.70 -14.79 -12.36
N GLY B 89 -2.61 -14.09 -12.14
CA GLY B 89 -2.49 -12.72 -12.59
C GLY B 89 -1.16 -12.39 -13.21
N GLU B 90 -1.13 -11.27 -13.94
CA GLU B 90 0.10 -10.74 -14.52
C GLU B 90 0.19 -9.24 -14.29
N GLU B 91 0.84 -8.53 -15.21
CA GLU B 91 1.06 -7.10 -15.07
C GLU B 91 -0.27 -6.33 -15.01
N ASN B 92 -0.67 -5.96 -13.78
CA ASN B 92 -1.96 -5.34 -13.49
C ASN B 92 -3.13 -5.94 -14.26
N VAL B 93 -3.20 -7.27 -14.26
CA VAL B 93 -4.25 -7.98 -14.95
C VAL B 93 -4.56 -9.27 -14.20
N ILE B 94 -5.76 -9.82 -14.39
CA ILE B 94 -6.15 -11.04 -13.67
C ILE B 94 -7.02 -11.99 -14.49
N TYR B 95 -6.72 -13.29 -14.37
CA TYR B 95 -7.38 -14.33 -15.16
C TYR B 95 -8.78 -14.69 -14.67
N GLY B 96 -9.66 -14.94 -15.63
CA GLY B 96 -10.96 -15.54 -15.36
C GLY B 96 -10.96 -16.94 -15.94
N LYS B 97 -12.08 -17.66 -15.84
CA LYS B 97 -12.14 -19.01 -16.38
C LYS B 97 -11.91 -19.01 -17.88
N ASP B 98 -12.46 -17.99 -18.56
CA ASP B 98 -12.34 -17.90 -20.01
C ASP B 98 -11.15 -17.07 -20.49
N GLY B 99 -10.99 -15.86 -19.94
CA GLY B 99 -9.97 -14.95 -20.45
C GLY B 99 -9.18 -14.15 -19.42
N VAL B 100 -8.93 -12.88 -19.76
CA VAL B 100 -8.12 -11.98 -18.92
C VAL B 100 -8.70 -10.56 -18.91
N THR B 101 -9.04 -10.05 -17.73
CA THR B 101 -9.48 -8.66 -17.64
C THR B 101 -8.53 -7.82 -16.79
N PRO B 102 -8.23 -6.62 -17.27
CA PRO B 102 -7.46 -5.62 -16.53
C PRO B 102 -8.07 -5.36 -15.16
N ILE B 103 -7.25 -5.40 -14.12
CA ILE B 103 -7.72 -5.23 -12.76
C ILE B 103 -8.37 -3.87 -12.56
N LYS B 104 -7.79 -2.85 -13.16
CA LYS B 104 -8.28 -1.48 -13.00
C LYS B 104 -9.69 -1.32 -13.58
N ASP B 105 -10.09 -2.25 -14.43
CA ASP B 105 -11.44 -2.25 -14.99
C ASP B 105 -12.49 -2.73 -13.97
N LEU B 106 -12.13 -3.74 -13.19
CA LEU B 106 -13.02 -4.29 -12.17
C LEU B 106 -13.29 -3.28 -11.07
N THR B 107 -12.23 -2.70 -10.53
CA THR B 107 -12.35 -1.77 -9.39
C THR B 107 -13.00 -0.46 -9.79
N ALA B 108 -12.83 -0.08 -11.05
CA ALA B 108 -13.33 1.20 -11.57
C ALA B 108 -14.80 1.42 -11.25
N HIS B 109 -15.56 0.34 -11.20
CA HIS B 109 -16.99 0.39 -10.93
C HIS B 109 -17.33 1.12 -9.63
N PHE B 110 -16.34 1.26 -8.75
CA PHE B 110 -16.58 1.81 -7.43
C PHE B 110 -16.00 3.20 -7.24
N ARG B 111 -15.32 3.70 -8.28
CA ARG B 111 -14.78 5.05 -8.26
C ARG B 111 -15.88 6.02 -7.84
N GLY B 112 -15.57 6.84 -6.83
CA GLY B 112 -16.52 7.74 -6.19
C GLY B 112 -17.64 8.36 -7.02
N ASP B 113 -17.35 8.66 -8.28
CA ASP B 113 -18.37 9.22 -9.16
C ASP B 113 -19.37 8.16 -9.66
N ARG B 114 -18.92 6.91 -9.79
CA ARG B 114 -19.81 5.86 -10.27
C ARG B 114 -20.27 4.90 -9.17
N CYS B 115 -20.00 5.25 -7.91
CA CYS B 115 -20.53 4.51 -6.78
C CYS B 115 -20.62 5.48 -5.62
N LYS B 116 -21.56 6.41 -5.76
CA LYS B 116 -21.76 7.46 -4.78
C LYS B 116 -22.26 6.91 -3.45
N THR B 117 -22.76 5.67 -3.46
CA THR B 117 -23.27 5.06 -2.24
C THR B 117 -22.14 4.69 -1.28
N LEU B 118 -20.91 4.72 -1.79
CA LEU B 118 -19.73 4.34 -1.03
C LEU B 118 -18.72 5.46 -0.93
N LEU B 119 -19.12 6.67 -1.31
CA LEU B 119 -18.24 7.82 -1.21
C LEU B 119 -17.94 8.17 0.25
N GLU B 120 -16.70 8.58 0.51
CA GLU B 120 -16.18 8.83 1.86
C GLU B 120 -16.10 7.56 2.70
N LYS B 121 -16.40 6.43 2.07
CA LYS B 121 -16.32 5.12 2.69
C LYS B 121 -15.18 4.34 2.06
N PRO B 122 -14.45 3.57 2.86
CA PRO B 122 -13.34 2.76 2.35
C PRO B 122 -13.84 1.61 1.47
N LYS B 123 -13.24 1.47 0.29
CA LYS B 123 -13.60 0.42 -0.65
C LYS B 123 -12.38 -0.49 -0.86
N LEU B 124 -12.34 -1.59 -0.13
CA LEU B 124 -11.14 -2.44 -0.06
C LEU B 124 -11.05 -3.51 -1.15
N PHE B 125 -9.84 -4.00 -1.39
CA PHE B 125 -9.59 -4.94 -2.46
C PHE B 125 -8.36 -5.79 -2.17
N PHE B 126 -8.56 -7.09 -2.04
CA PHE B 126 -7.46 -8.01 -1.76
C PHE B 126 -7.14 -8.90 -2.97
N ILE B 127 -5.88 -8.91 -3.37
CA ILE B 127 -5.48 -9.68 -4.55
C ILE B 127 -4.40 -10.73 -4.27
N GLN B 128 -4.76 -11.99 -4.49
CA GLN B 128 -3.78 -13.06 -4.55
C GLN B 128 -3.83 -13.67 -5.93
N ALA B 129 -2.77 -13.45 -6.70
CA ALA B 129 -2.73 -13.91 -8.08
C ALA B 129 -1.35 -14.49 -8.45
N CYS B 130 -1.35 -15.76 -8.84
CA CYS B 130 -0.12 -16.49 -9.16
C CYS B 130 0.17 -16.44 -10.65
N PRO B 158 -11.75 13.63 -5.30
CA PRO B 158 -11.96 12.35 -4.62
C PRO B 158 -12.20 11.22 -5.63
N VAL B 159 -11.37 11.17 -6.67
CA VAL B 159 -11.52 10.17 -7.71
C VAL B 159 -11.35 8.76 -7.13
N GLU B 160 -10.11 8.30 -7.07
CA GLU B 160 -9.80 6.98 -6.53
C GLU B 160 -9.46 7.04 -5.04
N ALA B 161 -10.11 7.96 -4.34
CA ALA B 161 -9.89 8.13 -2.91
C ALA B 161 -10.64 7.04 -2.13
N ASP B 162 -10.19 6.79 -0.90
CA ASP B 162 -10.74 5.73 -0.05
C ASP B 162 -10.60 4.34 -0.66
N PHE B 163 -9.50 4.14 -1.40
CA PHE B 163 -9.20 2.83 -1.97
C PHE B 163 -7.99 2.21 -1.27
N LEU B 164 -8.02 0.89 -1.09
CA LEU B 164 -6.85 0.18 -0.61
C LEU B 164 -6.71 -1.16 -1.32
N PHE B 165 -5.49 -1.44 -1.77
CA PHE B 165 -5.21 -2.66 -2.51
C PHE B 165 -4.10 -3.43 -1.80
N ALA B 166 -4.32 -4.72 -1.58
CA ALA B 166 -3.31 -5.56 -0.96
C ALA B 166 -2.98 -6.74 -1.87
N TYR B 167 -2.09 -6.51 -2.83
CA TYR B 167 -1.70 -7.54 -3.78
C TYR B 167 -0.67 -8.47 -3.16
N SER B 168 -0.83 -9.78 -3.38
CA SER B 168 0.15 -10.75 -2.89
C SER B 168 0.77 -11.55 -4.03
N PRO B 179 -0.48 -24.82 -1.81
CA PRO B 179 -0.04 -26.19 -1.54
C PRO B 179 -1.16 -27.04 -0.93
N GLY B 180 -0.79 -27.91 0.01
CA GLY B 180 -1.75 -28.70 0.76
C GLY B 180 -2.54 -27.78 1.68
N ARG B 181 -1.83 -27.08 2.55
CA ARG B 181 -2.42 -26.02 3.34
C ARG B 181 -2.67 -24.84 2.39
N GLY B 182 -3.25 -23.76 2.90
CA GLY B 182 -3.47 -22.60 2.06
C GLY B 182 -2.16 -21.95 1.66
N SER B 183 -2.25 -20.75 1.09
CA SER B 183 -1.05 -19.97 0.82
C SER B 183 -0.50 -19.49 2.16
N TRP B 184 0.65 -18.83 2.11
CA TRP B 184 1.21 -18.20 3.29
C TRP B 184 0.35 -17.00 3.65
N PHE B 185 0.38 -16.02 2.76
CA PHE B 185 -0.41 -14.80 2.85
C PHE B 185 -1.78 -14.97 3.48
N VAL B 186 -2.62 -15.76 2.83
CA VAL B 186 -3.97 -16.01 3.33
C VAL B 186 -3.96 -16.62 4.72
N GLN B 187 -3.24 -17.73 4.86
CA GLN B 187 -3.17 -18.41 6.15
C GLN B 187 -2.58 -17.50 7.23
N ALA B 188 -1.62 -16.68 6.84
CA ALA B 188 -0.95 -15.77 7.77
C ALA B 188 -1.84 -14.57 8.09
N LEU B 189 -2.63 -14.15 7.10
CA LEU B 189 -3.55 -13.03 7.28
C LEU B 189 -4.58 -13.31 8.37
N CYS B 190 -5.38 -14.36 8.18
CA CYS B 190 -6.42 -14.71 9.13
C CYS B 190 -5.81 -15.05 10.48
N SER B 191 -4.61 -15.63 10.43
CA SER B 191 -3.84 -15.94 11.64
C SER B 191 -3.65 -14.69 12.49
N ILE B 192 -3.51 -13.56 11.82
CA ILE B 192 -3.37 -12.27 12.48
C ILE B 192 -4.74 -11.60 12.61
N LEU B 193 -5.67 -11.97 11.72
CA LEU B 193 -6.92 -11.23 11.58
C LEU B 193 -8.00 -11.62 12.58
N GLU B 194 -8.08 -12.90 12.92
CA GLU B 194 -9.03 -13.34 13.95
C GLU B 194 -8.45 -13.05 15.33
N GLU B 195 -7.14 -12.82 15.35
CA GLU B 195 -6.39 -12.59 16.59
C GLU B 195 -6.35 -11.12 16.99
N HIS B 196 -6.11 -10.24 16.03
CA HIS B 196 -5.94 -8.82 16.32
C HIS B 196 -6.89 -7.92 15.51
N GLY B 197 -7.61 -8.51 14.56
CA GLY B 197 -8.39 -7.76 13.60
C GLY B 197 -9.39 -6.75 14.13
N LYS B 198 -9.86 -6.96 15.36
CA LYS B 198 -10.85 -6.07 15.95
C LYS B 198 -10.24 -4.90 16.70
N ASP B 199 -8.92 -4.92 16.85
CA ASP B 199 -8.23 -3.97 17.72
C ASP B 199 -6.97 -3.36 17.08
N LEU B 200 -6.79 -3.60 15.79
CA LEU B 200 -5.66 -3.05 15.07
C LEU B 200 -6.11 -2.38 13.77
N GLU B 201 -5.40 -1.32 13.39
CA GLU B 201 -5.65 -0.65 12.11
C GLU B 201 -5.15 -1.56 10.99
N ILE B 202 -5.71 -1.39 9.79
CA ILE B 202 -5.38 -2.27 8.66
C ILE B 202 -3.90 -2.31 8.36
N MET B 203 -3.26 -1.16 8.41
CA MET B 203 -1.83 -1.08 8.19
C MET B 203 -1.12 -1.90 9.27
N GLN B 204 -1.52 -1.68 10.52
CA GLN B 204 -1.01 -2.49 11.62
C GLN B 204 -1.28 -3.98 11.36
N ILE B 205 -2.40 -4.27 10.72
CA ILE B 205 -2.72 -5.64 10.33
C ILE B 205 -1.85 -6.09 9.17
N LEU B 206 -1.86 -5.31 8.08
CA LEU B 206 -1.15 -5.70 6.87
C LEU B 206 0.36 -5.64 7.04
N THR B 207 0.86 -4.63 7.73
CA THR B 207 2.28 -4.55 7.99
C THR B 207 2.70 -5.80 8.76
N ARG B 208 1.87 -6.21 9.72
CA ARG B 208 2.10 -7.44 10.48
C ARG B 208 2.14 -8.67 9.56
N VAL B 209 1.20 -8.73 8.62
CA VAL B 209 1.14 -9.84 7.68
C VAL B 209 2.43 -9.93 6.87
N ASN B 210 2.90 -8.77 6.41
CA ASN B 210 4.11 -8.68 5.61
C ASN B 210 5.35 -9.24 6.29
N ASP B 211 5.35 -9.26 7.62
CA ASP B 211 6.50 -9.76 8.35
C ASP B 211 6.52 -11.28 8.41
N ARG B 212 5.36 -11.89 8.60
CA ARG B 212 5.30 -13.35 8.76
C ARG B 212 5.44 -14.10 7.44
N VAL B 213 5.04 -13.48 6.34
CA VAL B 213 5.27 -14.05 5.02
C VAL B 213 6.75 -13.96 4.66
N ALA B 214 7.38 -12.85 5.01
CA ALA B 214 8.80 -12.65 4.79
C ALA B 214 9.62 -13.43 5.80
N ARG B 215 8.97 -13.87 6.88
CA ARG B 215 9.63 -14.64 7.92
C ARG B 215 9.96 -16.05 7.43
N HIS B 216 9.05 -16.62 6.64
CA HIS B 216 9.24 -17.95 6.10
C HIS B 216 10.49 -18.03 5.26
N PHE B 217 10.57 -17.17 4.25
CA PHE B 217 11.72 -17.14 3.35
C PHE B 217 12.96 -16.63 4.08
N ILE B 232 7.06 -11.03 -1.08
CA ILE B 232 6.54 -9.89 -0.33
C ILE B 232 5.37 -9.20 -1.03
N PRO B 233 4.32 -8.89 -0.27
CA PRO B 233 3.13 -8.24 -0.83
C PRO B 233 3.23 -6.72 -0.76
N CYS B 234 2.57 -6.04 -1.69
CA CYS B 234 2.59 -4.58 -1.73
C CYS B 234 1.21 -4.02 -1.40
N VAL B 235 1.14 -3.20 -0.35
CA VAL B 235 -0.12 -2.60 0.07
C VAL B 235 -0.22 -1.15 -0.38
N VAL B 236 -0.90 -0.92 -1.50
CA VAL B 236 -1.08 0.42 -2.03
C VAL B 236 -2.30 1.09 -1.42
N SER B 237 -2.10 2.21 -0.74
CA SER B 237 -3.18 2.85 0.00
C SER B 237 -3.50 4.25 -0.51
N MET B 238 -4.79 4.52 -0.66
CA MET B 238 -5.27 5.85 -1.03
C MET B 238 -6.32 6.30 -0.02
N LEU B 239 -6.14 5.88 1.22
CA LEU B 239 -7.10 6.17 2.29
C LEU B 239 -6.96 7.58 2.85
N THR B 240 -7.95 8.00 3.62
CA THR B 240 -7.97 9.37 4.16
C THR B 240 -8.11 9.40 5.68
N LYS B 241 -8.39 8.25 6.27
CA LYS B 241 -8.51 8.17 7.72
C LYS B 241 -8.13 6.78 8.22
N GLU B 242 -7.68 6.69 9.47
CA GLU B 242 -7.30 5.40 10.04
C GLU B 242 -8.54 4.51 10.14
N LEU B 243 -8.35 3.20 10.04
CA LEU B 243 -9.49 2.30 10.05
C LEU B 243 -9.30 1.07 10.95
N TYR B 244 -9.96 1.09 12.09
CA TYR B 244 -10.00 -0.08 12.95
C TYR B 244 -11.32 -0.80 12.65
N PHE B 245 -11.36 -2.10 12.92
CA PHE B 245 -12.51 -2.93 12.52
C PHE B 245 -13.58 -3.17 13.59
N SER B 246 -13.72 -2.21 14.51
CA SER B 246 -14.77 -2.27 15.52
C SER B 246 -15.44 -0.89 15.65
N GLN B 247 -16.14 -0.68 16.77
CA GLN B 247 -16.83 0.57 17.01
C GLN B 247 -15.99 1.48 17.89
CL1 0TE C . 1.06 7.19 -8.46
C1 0TE C . 2.15 4.07 -8.49
N1 0TE C . 0.77 3.90 -8.43
S1 0TE C . -2.33 6.86 -8.25
C2 0TE C . 2.97 2.93 -8.54
N2 0TE C . -1.86 0.29 -8.70
S2 0TE C . -5.30 6.08 -8.08
C3 0TE C . 2.34 1.65 -8.51
N3 0TE C . -1.88 4.06 -8.27
C4 0TE C . 0.90 1.48 -8.43
N4 0TE C . -3.30 4.39 -8.20
C5 0TE C . 0.07 2.66 -8.36
C6 0TE C . -1.44 2.74 -8.32
C7 0TE C . -2.40 1.53 -8.26
C8 0TE C . -3.78 1.64 -7.83
C9 0TE C . -4.50 0.42 -7.88
C10 0TE C . -4.00 -0.82 -8.32
C11 0TE C . -2.63 -0.87 -8.74
C12 0TE C . -3.54 5.61 -8.18
C13 0TE C . -6.14 4.46 -8.04
CU1 0TE C . -0.55 5.53 -8.34
CL1 0TE D . 1.76 -7.66 -7.63
C1 0TE D . 0.88 -4.65 -8.73
N1 0TE D . 2.09 -4.39 -8.09
S1 0TE D . 4.72 -7.13 -6.07
C2 0TE D . 0.20 -3.54 -9.33
N2 0TE D . 5.23 -1.09 -8.11
S2 0TE D . 7.38 -6.15 -4.80
C3 0TE D . 0.80 -2.27 -9.25
N3 0TE D . 4.41 -4.39 -6.80
C4 0TE D . 2.08 -2.02 -8.58
N4 0TE D . 5.67 -4.62 -6.06
C5 0TE D . 2.74 -3.14 -7.99
C6 0TE D . 4.07 -3.13 -7.23
C7 0TE D . 4.96 -1.92 -6.99
C8 0TE D . 5.51 -1.63 -5.67
C9 0TE D . 6.32 -0.46 -5.64
C10 0TE D . 6.61 0.37 -6.72
C11 0TE D . 6.03 0.03 -7.99
C12 0TE D . 5.83 -5.82 -5.73
C13 0TE D . 8.15 -4.50 -4.76
CU1 0TE D . 3.20 -5.93 -7.16
#